data_6I83
#
_entry.id   6I83
#
_cell.length_a   72.380
_cell.length_b   70.040
_cell.length_c   78.730
_cell.angle_alpha   90.00
_cell.angle_beta   102.22
_cell.angle_gamma   90.00
#
_symmetry.space_group_name_H-M   'C 1 2 1'
#
loop_
_entity.id
_entity.type
_entity.pdbx_description
1 polymer 'Proto-oncogene tyrosine-protein kinase receptor Ret'
2 non-polymer 4-[5-(pyridin-3-ylmethylamino)pyrazolo[1,5-a]pyrimidin-3-yl]benzamide
3 non-polymer 'FORMIC ACID'
4 water water
#
_entity_poly.entity_id   1
_entity_poly.type   'polypeptide(L)'
_entity_poly.pdbx_seq_one_letter_code
;GPLSLSVDAFKILEDPKWEFPRKNLVLGKTLGEGEFGKVVKATAFHLKGRAGYTTVAVKMLKENASPSELRDLLSEFNVL
KQVNHPHVIKLYGACSQDGPLLLIMEYAKYGSLRGFLRESRKVGPGYLGSGGSRNSSSLDHPDERALTMGDLISFAWQIS
QGMQYLAEMKLVHRDLAARNILVAEGRKMKISDFGLSRDVYEEDS(PTR)VKRSQGRIPVKWMAIESLFDHIYTTQSDVW
SFGVLLWEIVTLGGNPYPGIPPERLFNLLKTGHRMERPDNCSEEMYRLMLQCWKQEPDKRPVFADISKDLEKMMVKRR
;
_entity_poly.pdbx_strand_id   A
#
# COMPACT_ATOMS: atom_id res chain seq x y z
N GLY A 1 -1.35 22.78 17.38
CA GLY A 1 -0.46 21.59 17.43
C GLY A 1 0.07 21.26 16.05
N PRO A 2 0.70 20.09 15.85
CA PRO A 2 1.22 19.72 14.54
C PRO A 2 0.18 19.74 13.41
N LEU A 3 -1.08 19.36 13.68
CA LEU A 3 -2.12 19.27 12.62
C LEU A 3 -2.63 20.67 12.23
N SER A 4 -2.95 21.53 13.19
CA SER A 4 -3.39 22.92 12.92
C SER A 4 -2.35 23.61 12.02
N LEU A 5 -1.05 23.37 12.24
CA LEU A 5 0.06 23.96 11.43
C LEU A 5 -0.03 23.41 9.99
N SER A 6 -0.12 22.09 9.83
CA SER A 6 -0.28 21.40 8.51
C SER A 6 -1.52 21.94 7.77
N VAL A 7 -2.66 22.07 8.45
CA VAL A 7 -3.95 22.45 7.81
C VAL A 7 -3.82 23.88 7.27
N ASP A 8 -3.36 24.80 8.12
CA ASP A 8 -3.18 26.23 7.78
C ASP A 8 -2.14 26.37 6.64
N ALA A 9 -0.98 25.71 6.78
CA ALA A 9 0.11 25.73 5.79
C ALA A 9 -0.40 25.26 4.43
N PHE A 10 -1.18 24.17 4.43
CA PHE A 10 -1.79 23.54 3.23
C PHE A 10 -2.88 24.44 2.63
N LYS A 11 -3.64 25.14 3.49
CA LYS A 11 -4.82 25.96 3.08
C LYS A 11 -4.37 27.26 2.43
N ILE A 12 -3.12 27.69 2.65
CA ILE A 12 -2.54 28.93 2.03
C ILE A 12 -1.55 28.55 0.91
N LEU A 13 -1.10 27.28 0.83
CA LEU A 13 -0.17 26.77 -0.21
C LEU A 13 -0.78 27.08 -1.59
N GLU A 14 -0.22 28.07 -2.30
CA GLU A 14 -0.65 28.50 -3.66
C GLU A 14 0.08 27.63 -4.70
N ASP A 15 -0.33 26.37 -4.83
CA ASP A 15 0.33 25.36 -5.69
C ASP A 15 -0.56 25.08 -6.90
N PRO A 16 -0.47 25.88 -7.99
CA PRO A 16 -1.27 25.63 -9.19
C PRO A 16 -0.97 24.24 -9.78
N LYS A 17 0.23 23.71 -9.55
CA LYS A 17 0.67 22.37 -10.04
C LYS A 17 -0.34 21.29 -9.61
N TRP A 18 -0.84 21.37 -8.37
CA TRP A 18 -1.69 20.32 -7.76
C TRP A 18 -3.15 20.78 -7.64
N GLU A 19 -3.40 22.09 -7.50
CA GLU A 19 -4.79 22.61 -7.27
C GLU A 19 -5.61 22.42 -8.55
N PHE A 20 -6.78 21.79 -8.42
CA PHE A 20 -7.73 21.48 -9.53
C PHE A 20 -9.06 22.17 -9.22
N PRO A 21 -9.75 22.79 -10.21
CA PRO A 21 -11.00 23.50 -9.94
C PRO A 21 -12.13 22.53 -9.59
N ARG A 22 -12.79 22.74 -8.44
CA ARG A 22 -13.85 21.84 -7.92
C ARG A 22 -14.94 21.64 -8.98
N LYS A 23 -15.27 22.71 -9.72
CA LYS A 23 -16.37 22.72 -10.73
C LYS A 23 -16.06 21.73 -11.87
N ASN A 24 -14.79 21.38 -12.10
CA ASN A 24 -14.34 20.46 -13.18
C ASN A 24 -14.29 19.01 -12.68
N LEU A 25 -14.75 18.76 -11.46
CA LEU A 25 -14.70 17.41 -10.83
C LEU A 25 -16.13 16.96 -10.52
N VAL A 26 -16.51 15.78 -10.99
CA VAL A 26 -17.86 15.19 -10.74
C VAL A 26 -17.63 13.86 -10.02
N LEU A 27 -18.25 13.70 -8.84
CA LEU A 27 -18.12 12.49 -7.98
C LEU A 27 -19.25 11.52 -8.31
N GLY A 28 -18.95 10.23 -8.25
CA GLY A 28 -19.91 9.12 -8.47
C GLY A 28 -19.88 8.13 -7.32
N LYS A 29 -20.06 6.85 -7.62
CA LYS A 29 -20.32 5.80 -6.60
C LYS A 29 -19.08 5.67 -5.72
N THR A 30 -19.30 5.22 -4.48
CA THR A 30 -18.24 4.85 -3.50
C THR A 30 -17.56 3.56 -3.97
N LEU A 31 -16.23 3.57 -4.03
CA LEU A 31 -15.42 2.39 -4.40
C LEU A 31 -15.04 1.62 -3.14
N GLY A 32 -14.83 2.33 -2.03
CA GLY A 32 -14.48 1.73 -0.73
C GLY A 32 -14.41 2.76 0.38
N GLU A 33 -14.63 2.29 1.62
CA GLU A 33 -14.50 3.04 2.90
C GLU A 33 -13.78 2.15 3.92
N GLY A 34 -12.70 2.66 4.53
CA GLY A 34 -11.92 1.94 5.56
C GLY A 34 -10.98 2.89 6.30
N GLU A 35 -9.85 2.35 6.79
CA GLU A 35 -8.76 3.12 7.46
C GLU A 35 -8.16 4.15 6.49
N PHE A 36 -8.15 3.82 5.19
CA PHE A 36 -7.65 4.66 4.08
C PHE A 36 -8.58 5.86 3.83
N GLY A 37 -9.73 5.93 4.51
CA GLY A 37 -10.75 6.98 4.33
C GLY A 37 -11.86 6.53 3.39
N LYS A 38 -12.46 7.46 2.65
CA LYS A 38 -13.51 7.19 1.64
C LYS A 38 -12.92 7.41 0.25
N VAL A 39 -13.11 6.46 -0.66
CA VAL A 39 -12.69 6.58 -2.10
C VAL A 39 -13.93 6.45 -2.97
N VAL A 40 -14.16 7.44 -3.84
CA VAL A 40 -15.28 7.46 -4.83
C VAL A 40 -14.69 7.43 -6.24
N LYS A 41 -15.42 6.82 -7.17
CA LYS A 41 -15.16 6.96 -8.63
C LYS A 41 -15.62 8.36 -9.05
N ALA A 42 -14.90 8.97 -9.98
CA ALA A 42 -15.14 10.37 -10.37
C ALA A 42 -14.62 10.59 -11.78
N THR A 43 -14.90 11.77 -12.31
CA THR A 43 -14.47 12.20 -13.66
C THR A 43 -14.03 13.66 -13.57
N ALA A 44 -12.92 13.98 -14.24
CA ALA A 44 -12.26 15.30 -14.16
C ALA A 44 -12.12 15.86 -15.57
N PHE A 45 -12.66 17.06 -15.78
CA PHE A 45 -12.60 17.79 -17.06
C PHE A 45 -11.28 18.57 -17.11
N HIS A 46 -10.50 18.36 -18.17
CA HIS A 46 -9.26 19.12 -18.43
C HIS A 46 -8.30 18.94 -17.25
N LEU A 47 -8.04 17.67 -16.90
CA LEU A 47 -7.03 17.26 -15.90
C LEU A 47 -5.67 17.13 -16.57
N LYS A 48 -4.63 17.79 -16.03
CA LYS A 48 -3.20 17.62 -16.40
C LYS A 48 -3.05 17.76 -17.91
N GLY A 49 -3.68 18.79 -18.50
CA GLY A 49 -3.53 19.16 -19.93
C GLY A 49 -4.24 18.21 -20.87
N ARG A 50 -4.92 17.17 -20.36
CA ARG A 50 -5.66 16.19 -21.18
C ARG A 50 -7.06 16.74 -21.49
N ALA A 51 -7.37 16.92 -22.77
CA ALA A 51 -8.69 17.41 -23.27
C ALA A 51 -9.78 16.42 -22.84
N GLY A 52 -10.90 16.95 -22.39
CA GLY A 52 -12.11 16.15 -22.08
C GLY A 52 -12.07 15.62 -20.67
N TYR A 53 -12.90 14.61 -20.40
CA TYR A 53 -13.06 13.99 -19.07
C TYR A 53 -12.05 12.86 -18.96
N THR A 54 -11.38 12.77 -17.82
CA THR A 54 -10.58 11.58 -17.39
C THR A 54 -11.26 10.93 -16.19
N THR A 55 -11.48 9.62 -16.26
CA THR A 55 -12.00 8.81 -15.12
C THR A 55 -10.86 8.71 -14.09
N VAL A 56 -11.19 9.00 -12.84
CA VAL A 56 -10.24 9.12 -11.71
C VAL A 56 -10.90 8.51 -10.47
N ALA A 57 -10.12 8.24 -9.44
CA ALA A 57 -10.61 7.95 -8.07
C ALA A 57 -10.35 9.21 -7.24
N VAL A 58 -11.26 9.54 -6.33
CA VAL A 58 -11.10 10.71 -5.42
C VAL A 58 -11.13 10.17 -4.00
N LYS A 59 -10.05 10.43 -3.25
CA LYS A 59 -9.98 10.12 -1.80
C LYS A 59 -10.38 11.36 -1.00
N MET A 60 -11.14 11.14 0.08
CA MET A 60 -11.74 12.20 0.93
C MET A 60 -11.92 11.64 2.34
N LEU A 61 -12.17 12.53 3.29
CA LEU A 61 -12.46 12.15 4.70
C LEU A 61 -13.82 11.47 4.77
N LYS A 62 -13.92 10.41 5.57
CA LYS A 62 -15.19 9.76 5.96
C LYS A 62 -15.99 10.72 6.86
N GLU A 63 -17.26 10.40 7.10
CA GLU A 63 -18.12 11.08 8.11
C GLU A 63 -17.38 11.13 9.45
N ASN A 64 -17.43 12.28 10.14
CA ASN A 64 -16.97 12.40 11.56
C ASN A 64 -15.47 12.09 11.61
N ALA A 65 -14.69 12.65 10.68
CA ALA A 65 -13.23 12.42 10.60
C ALA A 65 -12.59 12.92 11.89
N SER A 66 -11.62 12.14 12.38
CA SER A 66 -10.71 12.48 13.50
C SER A 66 -9.48 13.23 12.98
N PRO A 67 -8.74 13.92 13.87
CA PRO A 67 -7.43 14.48 13.55
C PRO A 67 -6.50 13.46 12.88
N SER A 68 -6.50 12.24 13.39
CA SER A 68 -5.72 11.09 12.88
C SER A 68 -5.93 10.94 11.37
N GLU A 69 -7.20 10.89 10.93
CA GLU A 69 -7.62 10.67 9.52
C GLU A 69 -7.22 11.90 8.70
N LEU A 70 -7.47 13.10 9.22
CA LEU A 70 -7.10 14.36 8.51
C LEU A 70 -5.58 14.41 8.33
N ARG A 71 -4.83 14.08 9.40
CA ARG A 71 -3.36 14.06 9.37
C ARG A 71 -2.90 13.08 8.28
N ASP A 72 -3.50 11.89 8.22
CA ASP A 72 -3.15 10.83 7.23
C ASP A 72 -3.46 11.29 5.80
N LEU A 73 -4.59 11.96 5.56
CA LEU A 73 -4.93 12.49 4.21
C LEU A 73 -3.87 13.51 3.76
N LEU A 74 -3.53 14.48 4.63
CA LEU A 74 -2.52 15.53 4.31
C LEU A 74 -1.14 14.88 4.11
N SER A 75 -0.79 13.88 4.93
CA SER A 75 0.50 13.15 4.84
C SER A 75 0.61 12.48 3.47
N GLU A 76 -0.46 11.82 3.03
CA GLU A 76 -0.52 11.08 1.74
C GLU A 76 -0.33 12.05 0.58
N PHE A 77 -1.06 13.16 0.59
CA PHE A 77 -0.92 14.25 -0.41
C PHE A 77 0.57 14.64 -0.50
N ASN A 78 1.20 14.90 0.64
CA ASN A 78 2.63 15.33 0.71
C ASN A 78 3.53 14.23 0.14
N VAL A 79 3.31 12.98 0.48
CA VAL A 79 4.15 11.85 -0.03
C VAL A 79 3.97 11.72 -1.55
N LEU A 80 2.72 11.58 -2.01
CA LEU A 80 2.43 11.17 -3.41
C LEU A 80 2.84 12.30 -4.38
N LYS A 81 2.82 13.56 -3.95
CA LYS A 81 3.41 14.73 -4.67
C LYS A 81 4.82 14.43 -5.20
N GLN A 82 5.64 13.67 -4.44
CA GLN A 82 7.10 13.51 -4.69
C GLN A 82 7.43 12.13 -5.27
N VAL A 83 6.42 11.28 -5.43
CA VAL A 83 6.57 9.86 -5.88
C VAL A 83 6.13 9.77 -7.34
N ASN A 84 6.85 8.97 -8.12
CA ASN A 84 6.53 8.71 -9.55
C ASN A 84 7.19 7.40 -9.96
N HIS A 85 6.39 6.34 -10.06
CA HIS A 85 6.81 4.97 -10.44
C HIS A 85 5.60 4.21 -10.99
N PRO A 86 5.76 3.47 -12.11
CA PRO A 86 4.64 2.77 -12.73
C PRO A 86 3.88 1.77 -11.84
N HIS A 87 4.45 1.37 -10.69
CA HIS A 87 3.81 0.41 -9.76
C HIS A 87 3.43 1.10 -8.44
N VAL A 88 3.32 2.43 -8.46
CA VAL A 88 2.74 3.23 -7.34
C VAL A 88 1.62 4.09 -7.92
N ILE A 89 0.47 4.11 -7.26
CA ILE A 89 -0.72 4.87 -7.71
C ILE A 89 -0.34 6.34 -7.70
N LYS A 90 -0.81 7.10 -8.69
CA LYS A 90 -0.43 8.52 -8.90
C LYS A 90 -1.50 9.43 -8.28
N LEU A 91 -1.02 10.50 -7.64
CA LEU A 91 -1.77 11.73 -7.35
C LEU A 91 -1.79 12.57 -8.63
N TYR A 92 -2.95 13.09 -9.00
CA TYR A 92 -3.12 14.01 -10.15
C TYR A 92 -3.43 15.44 -9.68
N GLY A 93 -3.90 15.64 -8.45
CA GLY A 93 -4.31 16.97 -8.00
C GLY A 93 -5.12 16.91 -6.72
N ALA A 94 -5.60 18.07 -6.27
CA ALA A 94 -6.41 18.20 -5.04
C ALA A 94 -7.35 19.40 -5.17
N CYS A 95 -8.49 19.36 -4.49
CA CYS A 95 -9.44 20.49 -4.29
C CYS A 95 -9.47 20.80 -2.79
N SER A 96 -8.97 21.98 -2.41
CA SER A 96 -8.67 22.38 -1.01
C SER A 96 -9.28 23.73 -0.64
N GLN A 97 -10.13 24.30 -1.52
CA GLN A 97 -10.78 25.63 -1.33
C GLN A 97 -12.28 25.46 -1.57
N ASP A 98 -13.10 26.09 -0.72
CA ASP A 98 -14.59 26.19 -0.86
C ASP A 98 -15.25 24.80 -0.82
N GLY A 99 -14.67 23.83 -0.12
CA GLY A 99 -15.31 22.52 0.12
C GLY A 99 -14.36 21.53 0.79
N PRO A 100 -14.80 20.28 1.02
CA PRO A 100 -13.97 19.30 1.71
C PRO A 100 -12.67 19.04 0.93
N LEU A 101 -11.59 18.65 1.61
CA LEU A 101 -10.31 18.24 0.98
C LEU A 101 -10.58 16.98 0.13
N LEU A 102 -10.27 17.04 -1.17
CA LEU A 102 -10.40 15.90 -2.11
C LEU A 102 -9.03 15.67 -2.76
N LEU A 103 -8.50 14.45 -2.73
CA LEU A 103 -7.28 14.07 -3.48
C LEU A 103 -7.71 13.33 -4.75
N ILE A 104 -7.21 13.76 -5.91
CA ILE A 104 -7.57 13.16 -7.22
C ILE A 104 -6.49 12.14 -7.59
N MET A 105 -6.85 10.86 -7.65
CA MET A 105 -5.92 9.72 -7.87
C MET A 105 -6.19 9.06 -9.22
N GLU A 106 -5.14 8.51 -9.83
CA GLU A 106 -5.17 7.50 -10.92
C GLU A 106 -6.22 6.42 -10.58
N TYR A 107 -7.03 6.04 -11.57
CA TYR A 107 -8.09 5.00 -11.46
C TYR A 107 -7.51 3.64 -11.84
N ALA A 108 -7.77 2.63 -11.01
CA ALA A 108 -7.36 1.22 -11.22
C ALA A 108 -8.62 0.37 -11.39
N LYS A 109 -8.89 -0.02 -12.64
CA LYS A 109 -10.13 -0.67 -13.13
C LYS A 109 -10.55 -1.83 -12.22
N TYR A 110 -9.62 -2.71 -11.82
CA TYR A 110 -9.94 -4.00 -11.18
C TYR A 110 -10.06 -3.89 -9.66
N GLY A 111 -9.85 -2.69 -9.08
CA GLY A 111 -9.90 -2.50 -7.61
C GLY A 111 -8.77 -3.23 -6.89
N SER A 112 -9.01 -3.67 -5.66
CA SER A 112 -7.96 -4.19 -4.75
C SER A 112 -7.41 -5.51 -5.29
N LEU A 113 -6.14 -5.82 -5.01
CA LEU A 113 -5.51 -7.11 -5.38
C LEU A 113 -6.20 -8.24 -4.60
N ARG A 114 -6.56 -7.98 -3.34
CA ARG A 114 -7.27 -8.98 -2.49
C ARG A 114 -8.58 -9.39 -3.18
N GLY A 115 -9.39 -8.42 -3.59
CA GLY A 115 -10.64 -8.65 -4.36
C GLY A 115 -10.36 -9.41 -5.66
N PHE A 116 -9.41 -8.95 -6.45
CA PHE A 116 -9.03 -9.53 -7.77
C PHE A 116 -8.71 -11.03 -7.60
N LEU A 117 -7.88 -11.36 -6.61
CA LEU A 117 -7.40 -12.74 -6.35
C LEU A 117 -8.56 -13.62 -5.86
N ARG A 118 -9.40 -13.11 -4.96
CA ARG A 118 -10.52 -13.90 -4.36
C ARG A 118 -11.57 -14.18 -5.44
N GLU A 119 -11.71 -13.28 -6.43
CA GLU A 119 -12.61 -13.42 -7.61
C GLU A 119 -12.09 -14.52 -8.57
N SER A 120 -10.83 -14.93 -8.46
CA SER A 120 -10.13 -15.77 -9.47
C SER A 120 -10.01 -17.22 -8.98
N ARG A 121 -9.23 -18.04 -9.70
CA ARG A 121 -8.91 -19.45 -9.35
C ARG A 121 -7.57 -19.88 -9.99
N LYS A 122 -7.04 -21.03 -9.56
CA LYS A 122 -5.69 -21.58 -9.90
C LYS A 122 -4.61 -20.55 -9.57
N ARG A 145 -12.12 -15.96 -13.48
CA ARG A 145 -10.75 -15.66 -13.97
C ARG A 145 -9.79 -16.79 -13.57
N ALA A 146 -8.91 -17.20 -14.49
CA ALA A 146 -7.90 -18.27 -14.30
C ALA A 146 -6.50 -17.64 -14.33
N LEU A 147 -5.79 -17.69 -13.19
CA LEU A 147 -4.42 -17.16 -13.02
C LEU A 147 -3.46 -18.34 -12.89
N THR A 148 -2.27 -18.21 -13.47
CA THR A 148 -1.14 -19.17 -13.36
C THR A 148 -0.22 -18.74 -12.22
N MET A 149 0.71 -19.62 -11.80
CA MET A 149 1.76 -19.28 -10.81
C MET A 149 2.63 -18.14 -11.38
N GLY A 150 2.84 -18.12 -12.69
CA GLY A 150 3.57 -17.05 -13.41
C GLY A 150 2.88 -15.70 -13.28
N ASP A 151 1.55 -15.66 -13.38
CA ASP A 151 0.74 -14.41 -13.19
C ASP A 151 0.98 -13.89 -11.76
N LEU A 152 0.99 -14.80 -10.77
CA LEU A 152 1.16 -14.45 -9.33
C LEU A 152 2.57 -13.93 -9.10
N ILE A 153 3.60 -14.60 -9.64
CA ILE A 153 5.03 -14.20 -9.48
C ILE A 153 5.21 -12.81 -10.10
N SER A 154 4.57 -12.58 -11.26
CA SER A 154 4.56 -11.27 -11.95
C SER A 154 4.01 -10.20 -11.00
N PHE A 155 2.84 -10.46 -10.41
CA PHE A 155 2.17 -9.51 -9.48
C PHE A 155 3.14 -9.12 -8.37
N ALA A 156 3.70 -10.13 -7.69
CA ALA A 156 4.66 -9.98 -6.58
C ALA A 156 5.86 -9.17 -7.05
N TRP A 157 6.41 -9.49 -8.22
CA TRP A 157 7.61 -8.81 -8.78
C TRP A 157 7.31 -7.32 -8.97
N GLN A 158 6.19 -7.00 -9.61
CA GLN A 158 5.77 -5.61 -9.90
C GLN A 158 5.73 -4.83 -8.60
N ILE A 159 5.20 -5.44 -7.54
CA ILE A 159 5.04 -4.82 -6.20
C ILE A 159 6.43 -4.69 -5.57
N SER A 160 7.29 -5.70 -5.74
CA SER A 160 8.70 -5.61 -5.26
C SER A 160 9.42 -4.44 -5.93
N GLN A 161 9.21 -4.21 -7.23
CA GLN A 161 9.88 -3.10 -7.97
C GLN A 161 9.46 -1.75 -7.37
N GLY A 162 8.17 -1.55 -7.18
CA GLY A 162 7.63 -0.31 -6.59
C GLY A 162 8.23 -0.06 -5.21
N MET A 163 8.35 -1.12 -4.41
CA MET A 163 8.85 -1.04 -3.01
C MET A 163 10.36 -0.72 -3.02
N GLN A 164 11.11 -1.29 -3.98
CA GLN A 164 12.55 -0.98 -4.18
C GLN A 164 12.68 0.53 -4.43
N TYR A 165 11.82 1.09 -5.27
CA TYR A 165 11.81 2.55 -5.59
C TYR A 165 11.48 3.33 -4.33
N LEU A 166 10.48 2.91 -3.55
CA LEU A 166 10.06 3.64 -2.32
C LEU A 166 11.20 3.58 -1.29
N ALA A 167 11.77 2.38 -1.09
CA ALA A 167 12.94 2.16 -0.23
C ALA A 167 14.07 3.11 -0.63
N GLU A 168 14.40 3.20 -1.92
CA GLU A 168 15.43 4.14 -2.44
C GLU A 168 15.07 5.59 -2.09
N MET A 169 13.79 5.96 -2.12
CA MET A 169 13.29 7.33 -1.82
C MET A 169 13.27 7.57 -0.30
N LYS A 170 13.63 6.57 0.50
CA LYS A 170 13.61 6.59 1.99
C LYS A 170 12.18 6.82 2.50
N LEU A 171 11.24 6.05 1.95
CA LEU A 171 9.84 5.94 2.44
C LEU A 171 9.61 4.52 2.94
N VAL A 172 9.07 4.41 4.16
CA VAL A 172 8.52 3.15 4.71
C VAL A 172 7.00 3.23 4.56
N HIS A 173 6.42 2.30 3.81
CA HIS A 173 4.95 2.24 3.52
C HIS A 173 4.20 1.93 4.82
N ARG A 174 4.64 0.86 5.51
CA ARG A 174 4.17 0.36 6.83
C ARG A 174 2.91 -0.50 6.68
N ASP A 175 2.13 -0.30 5.61
CA ASP A 175 0.78 -0.91 5.48
C ASP A 175 0.69 -1.74 4.20
N LEU A 176 1.75 -2.46 3.86
CA LEU A 176 1.78 -3.30 2.65
C LEU A 176 0.90 -4.55 2.90
N ALA A 177 -0.12 -4.76 2.06
CA ALA A 177 -1.06 -5.90 2.10
C ALA A 177 -1.85 -5.92 0.79
N ALA A 178 -2.45 -7.06 0.44
CA ALA A 178 -3.23 -7.24 -0.81
C ALA A 178 -4.36 -6.20 -0.89
N ARG A 179 -4.98 -5.83 0.24
CA ARG A 179 -6.07 -4.82 0.26
C ARG A 179 -5.55 -3.42 -0.11
N ASN A 180 -4.23 -3.18 -0.03
CA ASN A 180 -3.60 -1.85 -0.29
C ASN A 180 -2.77 -1.89 -1.58
N ILE A 181 -3.00 -2.91 -2.41
CA ILE A 181 -2.51 -2.96 -3.82
C ILE A 181 -3.74 -2.81 -4.72
N LEU A 182 -3.67 -1.92 -5.72
CA LEU A 182 -4.70 -1.79 -6.77
C LEU A 182 -4.25 -2.51 -8.04
N VAL A 183 -5.21 -3.02 -8.80
CA VAL A 183 -4.97 -3.66 -10.12
C VAL A 183 -5.58 -2.78 -11.21
N ALA A 184 -4.73 -2.16 -12.03
CA ALA A 184 -5.10 -1.23 -13.11
C ALA A 184 -5.13 -2.00 -14.44
N GLU A 185 -5.50 -1.32 -15.52
CA GLU A 185 -5.56 -1.88 -16.90
C GLU A 185 -4.25 -2.63 -17.19
N GLY A 186 -4.34 -3.77 -17.87
CA GLY A 186 -3.21 -4.65 -18.20
C GLY A 186 -2.76 -5.47 -17.01
N ARG A 187 -3.58 -5.49 -15.94
CA ARG A 187 -3.28 -6.17 -14.65
C ARG A 187 -1.96 -5.64 -14.08
N LYS A 188 -1.78 -4.31 -14.11
CA LYS A 188 -0.58 -3.62 -13.58
C LYS A 188 -0.82 -3.26 -12.12
N MET A 189 0.02 -3.81 -11.22
CA MET A 189 -0.03 -3.56 -9.77
C MET A 189 0.30 -2.08 -9.49
N LYS A 190 -0.46 -1.45 -8.61
CA LYS A 190 -0.23 -0.07 -8.11
C LYS A 190 -0.29 -0.12 -6.58
N ILE A 191 0.83 0.14 -5.91
CA ILE A 191 0.89 0.25 -4.44
C ILE A 191 0.03 1.46 -4.07
N SER A 192 -0.77 1.34 -3.01
CA SER A 192 -1.82 2.30 -2.63
C SER A 192 -1.80 2.57 -1.12
N ASP A 193 -2.62 3.51 -0.66
CA ASP A 193 -2.91 3.76 0.78
C ASP A 193 -1.63 4.21 1.48
N PHE A 194 -1.20 5.43 1.18
CA PHE A 194 0.04 6.05 1.73
C PHE A 194 -0.25 6.89 2.98
N GLY A 195 -1.43 6.73 3.59
CA GLY A 195 -1.83 7.48 4.80
C GLY A 195 -0.88 7.24 5.96
N LEU A 196 -0.31 6.04 6.04
CA LEU A 196 0.56 5.62 7.19
C LEU A 196 2.04 5.65 6.79
N SER A 197 2.37 5.88 5.51
CA SER A 197 3.78 5.91 5.01
C SER A 197 4.51 7.08 5.66
N ARG A 198 5.80 6.91 5.96
CA ARG A 198 6.65 7.89 6.70
C ARG A 198 8.03 7.99 6.06
N ASP A 199 8.58 9.21 6.01
CA ASP A 199 9.96 9.49 5.53
C ASP A 199 10.97 9.06 6.61
N VAL A 200 12.04 8.39 6.19
CA VAL A 200 13.09 7.84 7.10
C VAL A 200 14.49 8.21 6.59
N TYR A 201 14.64 9.33 5.86
CA TYR A 201 15.96 9.79 5.34
C TYR A 201 16.90 10.01 6.53
N GLU A 202 16.41 10.68 7.57
CA GLU A 202 17.19 11.06 8.78
C GLU A 202 17.73 9.80 9.47
N GLU A 203 16.85 8.88 9.89
CA GLU A 203 17.17 7.82 10.88
C GLU A 203 17.29 6.43 10.23
N ASP A 204 16.71 6.23 9.03
CA ASP A 204 16.51 4.89 8.41
C ASP A 204 15.61 4.04 9.30
N SER A 205 14.79 4.67 10.14
CA SER A 205 13.76 4.00 10.97
C SER A 205 12.70 5.03 11.34
N VAL A 207 9.69 5.48 14.29
CA VAL A 207 9.34 4.94 15.59
C VAL A 207 8.28 5.83 16.21
N LYS A 208 7.21 5.23 16.73
CA LYS A 208 6.11 5.98 17.40
C LYS A 208 5.89 5.40 18.79
N ARG A 209 5.75 6.29 19.77
CA ARG A 209 5.38 5.99 21.18
C ARG A 209 4.03 5.27 21.21
N SER A 210 3.03 5.83 20.54
CA SER A 210 1.61 5.33 20.58
C SER A 210 1.49 4.04 19.76
N GLN A 211 0.35 3.35 19.91
CA GLN A 211 0.03 2.10 19.17
C GLN A 211 -0.33 2.42 17.72
N GLY A 212 0.22 1.67 16.78
CA GLY A 212 -0.01 1.85 15.34
C GLY A 212 -1.40 1.39 14.92
N ARG A 213 -1.79 1.72 13.69
CA ARG A 213 -3.11 1.37 13.11
C ARG A 213 -2.92 0.39 11.95
N ILE A 214 -1.75 -0.24 11.82
CA ILE A 214 -1.51 -1.35 10.86
C ILE A 214 -2.06 -2.62 11.49
N PRO A 215 -2.89 -3.42 10.78
CA PRO A 215 -3.33 -4.73 11.29
C PRO A 215 -2.16 -5.57 11.82
N VAL A 216 -2.31 -6.10 13.03
CA VAL A 216 -1.30 -6.93 13.76
C VAL A 216 -0.72 -7.98 12.82
N LYS A 217 -1.56 -8.72 12.09
CA LYS A 217 -1.17 -9.94 11.33
C LYS A 217 -0.23 -9.61 10.16
N TRP A 218 -0.02 -8.32 9.81
CA TRP A 218 0.94 -7.90 8.75
C TRP A 218 2.19 -7.24 9.33
N MET A 219 2.23 -7.01 10.65
CA MET A 219 3.35 -6.26 11.28
C MET A 219 4.53 -7.19 11.55
N ALA A 220 5.75 -6.70 11.29
CA ALA A 220 7.01 -7.34 11.71
C ALA A 220 7.04 -7.43 13.24
N ILE A 221 7.76 -8.42 13.74
CA ILE A 221 7.89 -8.69 15.20
C ILE A 221 8.46 -7.43 15.90
N GLU A 222 9.46 -6.77 15.33
CA GLU A 222 10.07 -5.55 15.94
C GLU A 222 9.10 -4.35 15.85
N SER A 223 8.14 -4.34 14.93
CA SER A 223 7.12 -3.25 14.84
C SER A 223 6.10 -3.50 15.96
N LEU A 224 5.71 -4.76 16.11
CA LEU A 224 4.65 -5.21 17.04
C LEU A 224 5.10 -5.00 18.49
N PHE A 225 6.34 -5.41 18.82
CA PHE A 225 6.88 -5.33 20.20
C PHE A 225 7.53 -3.96 20.46
N ASP A 226 8.33 -3.44 19.53
CA ASP A 226 9.25 -2.30 19.84
C ASP A 226 8.83 -1.01 19.11
N HIS A 227 7.79 -1.06 18.26
CA HIS A 227 7.24 0.10 17.50
C HIS A 227 8.26 0.65 16.52
N ILE A 228 9.12 -0.23 15.97
CA ILE A 228 10.20 0.15 15.02
C ILE A 228 9.74 -0.18 13.61
N TYR A 229 9.68 0.83 12.74
CA TYR A 229 9.32 0.66 11.31
C TYR A 229 10.52 1.07 10.45
N THR A 230 10.93 0.16 9.58
CA THR A 230 12.03 0.32 8.59
C THR A 230 11.60 -0.37 7.29
N THR A 231 12.39 -0.17 6.22
CA THR A 231 12.23 -0.89 4.95
C THR A 231 12.15 -2.39 5.23
N GLN A 232 12.90 -2.89 6.21
CA GLN A 232 12.98 -4.34 6.51
C GLN A 232 11.69 -4.79 7.20
N SER A 233 10.94 -3.90 7.86
CA SER A 233 9.60 -4.24 8.39
C SER A 233 8.60 -4.24 7.22
N ASP A 234 8.78 -3.36 6.24
CA ASP A 234 8.08 -3.44 4.93
C ASP A 234 8.35 -4.81 4.28
N VAL A 235 9.60 -5.30 4.32
CA VAL A 235 9.97 -6.63 3.77
C VAL A 235 9.15 -7.72 4.46
N TRP A 236 9.01 -7.68 5.79
CA TRP A 236 8.15 -8.62 6.55
C TRP A 236 6.74 -8.59 5.98
N SER A 237 6.14 -7.40 5.86
CA SER A 237 4.77 -7.20 5.36
C SER A 237 4.66 -7.78 3.96
N PHE A 238 5.66 -7.53 3.10
CA PHE A 238 5.69 -8.08 1.72
C PHE A 238 5.56 -9.60 1.78
N GLY A 239 6.20 -10.24 2.76
CA GLY A 239 6.15 -11.71 2.90
C GLY A 239 4.72 -12.15 3.16
N VAL A 240 3.99 -11.44 4.01
CA VAL A 240 2.56 -11.75 4.32
C VAL A 240 1.76 -11.55 3.03
N LEU A 241 2.02 -10.46 2.32
CA LEU A 241 1.44 -10.15 0.98
C LEU A 241 1.73 -11.30 0.01
N LEU A 242 2.94 -11.87 0.04
CA LEU A 242 3.33 -13.02 -0.83
C LEU A 242 2.40 -14.20 -0.53
N TRP A 243 2.21 -14.48 0.76
CA TRP A 243 1.31 -15.55 1.25
C TRP A 243 -0.12 -15.26 0.77
N GLU A 244 -0.59 -14.02 0.92
CA GLU A 244 -1.90 -13.58 0.39
C GLU A 244 -1.97 -13.87 -1.12
N ILE A 245 -0.92 -13.55 -1.87
CA ILE A 245 -0.90 -13.71 -3.36
C ILE A 245 -0.98 -15.20 -3.66
N VAL A 246 -0.09 -16.00 -3.07
CA VAL A 246 0.03 -17.47 -3.31
C VAL A 246 -1.29 -18.17 -2.95
N THR A 247 -2.01 -17.72 -1.91
CA THR A 247 -3.29 -18.33 -1.44
C THR A 247 -4.49 -17.71 -2.18
N LEU A 248 -4.25 -16.81 -3.13
CA LEU A 248 -5.29 -16.06 -3.88
C LEU A 248 -6.21 -15.33 -2.88
N GLY A 249 -5.63 -14.55 -1.99
CA GLY A 249 -6.35 -13.69 -1.04
C GLY A 249 -6.81 -14.45 0.20
N GLY A 250 -5.98 -15.37 0.71
CA GLY A 250 -6.21 -16.04 2.01
C GLY A 250 -6.17 -15.04 3.16
N ASN A 251 -6.66 -15.45 4.33
CA ASN A 251 -6.61 -14.64 5.58
C ASN A 251 -5.42 -15.13 6.40
N PRO A 252 -4.36 -14.32 6.57
CA PRO A 252 -3.15 -14.73 7.27
C PRO A 252 -3.45 -15.24 8.69
N TYR A 253 -2.59 -16.15 9.19
CA TYR A 253 -2.77 -16.83 10.49
C TYR A 253 -4.25 -17.12 10.69
N PRO A 254 -4.88 -17.92 9.80
CA PRO A 254 -6.33 -18.13 9.83
C PRO A 254 -6.80 -18.78 11.14
N GLY A 255 -7.89 -18.27 11.71
CA GLY A 255 -8.51 -18.77 12.94
C GLY A 255 -7.71 -18.46 14.19
N ILE A 256 -6.60 -17.72 14.09
CA ILE A 256 -5.75 -17.34 15.25
C ILE A 256 -6.07 -15.88 15.61
N PRO A 257 -6.55 -15.59 16.84
CA PRO A 257 -6.84 -14.22 17.23
C PRO A 257 -5.58 -13.36 17.19
N PRO A 258 -5.66 -12.08 16.81
CA PRO A 258 -4.48 -11.22 16.71
C PRO A 258 -3.66 -11.09 18.00
N GLU A 259 -4.29 -11.18 19.19
CA GLU A 259 -3.57 -11.02 20.48
C GLU A 259 -2.63 -12.21 20.73
N ARG A 260 -2.80 -13.32 20.00
CA ARG A 260 -1.91 -14.52 20.12
C ARG A 260 -0.64 -14.32 19.30
N LEU A 261 -0.56 -13.29 18.44
CA LEU A 261 0.56 -13.07 17.49
C LEU A 261 1.84 -12.69 18.25
N PHE A 262 1.72 -12.03 19.40
CA PHE A 262 2.86 -11.70 20.29
C PHE A 262 3.59 -13.00 20.65
N ASN A 263 2.91 -13.91 21.33
CA ASN A 263 3.50 -15.18 21.83
C ASN A 263 3.90 -16.08 20.65
N LEU A 264 3.04 -16.17 19.62
CA LEU A 264 3.26 -17.02 18.42
C LEU A 264 4.57 -16.63 17.74
N LEU A 265 4.75 -15.35 17.41
CA LEU A 265 5.94 -14.84 16.68
C LEU A 265 7.19 -14.96 17.57
N LYS A 266 7.06 -14.57 18.84
CA LYS A 266 8.17 -14.54 19.83
C LYS A 266 8.72 -15.96 20.04
N THR A 267 7.88 -17.00 19.96
CA THR A 267 8.30 -18.42 20.19
C THR A 267 8.74 -19.05 18.86
N GLY A 268 8.92 -18.25 17.80
CA GLY A 268 9.56 -18.67 16.55
C GLY A 268 8.59 -19.24 15.53
N HIS A 269 7.28 -19.27 15.80
CA HIS A 269 6.24 -19.79 14.88
C HIS A 269 6.01 -18.82 13.70
N ARG A 270 5.73 -19.39 12.52
CA ARG A 270 5.37 -18.66 11.27
C ARG A 270 4.26 -19.45 10.57
N MET A 271 3.64 -18.88 9.54
CA MET A 271 2.58 -19.56 8.77
C MET A 271 3.16 -20.78 8.02
N GLU A 272 2.44 -21.91 8.05
CA GLU A 272 2.79 -23.17 7.35
C GLU A 272 2.91 -22.89 5.85
N ARG A 273 3.71 -23.67 5.15
CA ARG A 273 3.72 -23.67 3.66
C ARG A 273 2.29 -23.94 3.21
N PRO A 274 1.65 -23.01 2.45
CA PRO A 274 0.29 -23.22 1.99
C PRO A 274 0.27 -24.15 0.77
N ASP A 275 -0.90 -24.69 0.43
CA ASP A 275 -1.10 -25.56 -0.76
C ASP A 275 -0.78 -24.74 -2.03
N ASN A 276 -0.29 -25.40 -3.07
CA ASN A 276 0.06 -24.79 -4.39
C ASN A 276 1.12 -23.71 -4.19
N CYS A 277 2.18 -24.03 -3.43
CA CYS A 277 3.32 -23.14 -3.13
C CYS A 277 4.63 -23.95 -3.24
N SER A 278 5.55 -23.50 -4.07
CA SER A 278 6.87 -24.16 -4.30
C SER A 278 7.73 -24.03 -3.03
N GLU A 279 8.75 -24.90 -2.91
CA GLU A 279 9.72 -24.89 -1.80
C GLU A 279 10.48 -23.55 -1.84
N GLU A 280 10.84 -23.10 -3.04
CA GLU A 280 11.58 -21.83 -3.30
C GLU A 280 10.70 -20.64 -2.87
N MET A 281 9.42 -20.64 -3.25
CA MET A 281 8.47 -19.53 -2.96
C MET A 281 8.29 -19.42 -1.44
N TYR A 282 8.15 -20.55 -0.74
CA TYR A 282 7.95 -20.59 0.72
C TYR A 282 9.25 -20.19 1.43
N ARG A 283 10.40 -20.59 0.87
CA ARG A 283 11.73 -20.18 1.38
C ARG A 283 11.77 -18.64 1.41
N LEU A 284 11.27 -17.98 0.36
CA LEU A 284 11.29 -16.50 0.26
C LEU A 284 10.41 -15.91 1.37
N MET A 285 9.21 -16.47 1.60
CA MET A 285 8.28 -16.01 2.66
C MET A 285 9.02 -16.05 4.00
N LEU A 286 9.59 -17.22 4.34
CA LEU A 286 10.30 -17.47 5.62
C LEU A 286 11.44 -16.47 5.81
N GLN A 287 12.22 -16.22 4.75
CA GLN A 287 13.34 -15.24 4.77
C GLN A 287 12.80 -13.85 5.12
N CYS A 288 11.63 -13.48 4.57
CA CYS A 288 10.98 -12.16 4.83
C CYS A 288 10.55 -12.06 6.31
N TRP A 289 10.34 -13.20 6.99
CA TRP A 289 9.85 -13.25 8.40
C TRP A 289 10.96 -13.66 9.39
N LYS A 290 12.24 -13.54 9.01
CA LYS A 290 13.36 -13.74 9.97
C LYS A 290 13.19 -12.76 11.13
N GLN A 291 13.43 -13.21 12.37
CA GLN A 291 13.36 -12.36 13.58
C GLN A 291 14.26 -11.14 13.41
N GLU A 292 15.49 -11.35 12.91
CA GLU A 292 16.52 -10.29 12.77
C GLU A 292 16.30 -9.58 11.44
N PRO A 293 15.91 -8.28 11.45
CA PRO A 293 15.66 -7.54 10.22
C PRO A 293 16.78 -7.62 9.17
N ASP A 294 18.03 -7.68 9.62
CA ASP A 294 19.25 -7.67 8.75
C ASP A 294 19.39 -9.00 8.03
N LYS A 295 18.78 -10.06 8.55
CA LYS A 295 18.78 -11.42 7.93
C LYS A 295 17.71 -11.50 6.84
N ARG A 296 16.78 -10.54 6.80
CA ARG A 296 15.73 -10.48 5.75
C ARG A 296 16.39 -9.97 4.48
N PRO A 297 15.87 -10.36 3.30
CA PRO A 297 16.37 -9.82 2.04
C PRO A 297 15.91 -8.36 1.94
N VAL A 298 16.56 -7.59 1.07
CA VAL A 298 16.09 -6.24 0.63
C VAL A 298 15.26 -6.46 -0.64
N PHE A 299 14.50 -5.46 -1.07
CA PHE A 299 13.49 -5.64 -2.16
C PHE A 299 14.20 -6.01 -3.47
N ALA A 300 15.35 -5.41 -3.76
CA ALA A 300 16.19 -5.72 -4.94
C ALA A 300 16.46 -7.23 -4.99
N ASP A 301 16.86 -7.84 -3.85
CA ASP A 301 17.07 -9.30 -3.71
C ASP A 301 15.76 -10.04 -4.02
N ILE A 302 14.67 -9.57 -3.42
CA ILE A 302 13.31 -10.20 -3.54
C ILE A 302 12.96 -10.24 -5.04
N SER A 303 13.11 -9.11 -5.74
CA SER A 303 12.83 -9.00 -7.20
C SER A 303 13.69 -10.02 -7.98
N LYS A 304 14.98 -10.13 -7.66
CA LYS A 304 15.90 -11.11 -8.31
C LYS A 304 15.41 -12.54 -8.04
N ASP A 305 14.92 -12.83 -6.83
CA ASP A 305 14.44 -14.19 -6.45
C ASP A 305 13.17 -14.52 -7.24
N LEU A 306 12.31 -13.53 -7.47
CA LEU A 306 11.03 -13.68 -8.22
C LEU A 306 11.32 -13.80 -9.72
N GLU A 307 12.23 -13.00 -10.25
CA GLU A 307 12.68 -13.05 -11.67
C GLU A 307 13.13 -14.48 -11.97
N LYS A 308 13.96 -15.03 -11.07
CA LYS A 308 14.55 -16.38 -11.17
C LYS A 308 13.43 -17.43 -11.25
N MET A 309 12.40 -17.33 -10.40
CA MET A 309 11.26 -18.28 -10.36
C MET A 309 10.50 -18.21 -11.69
N MET A 310 10.30 -17.00 -12.22
CA MET A 310 9.54 -16.76 -13.46
C MET A 310 10.21 -17.50 -14.62
N VAL A 311 11.50 -17.23 -14.87
CA VAL A 311 12.27 -17.74 -16.04
C VAL A 311 12.39 -19.27 -15.96
N LYS A 312 12.43 -19.85 -14.75
CA LYS A 312 12.50 -21.32 -14.52
C LYS A 312 11.19 -21.99 -14.96
N ARG A 313 10.08 -21.24 -14.91
CA ARG A 313 8.71 -21.59 -15.43
C ARG A 313 7.77 -21.83 -14.26
N ARG A 314 6.95 -20.81 -13.93
CA ARG A 314 5.75 -20.84 -13.04
C ARG A 314 6.05 -21.67 -11.78
#